data_2RFD
#
_entry.id   2RFD
#
_cell.length_a   143.964
_cell.length_b   143.964
_cell.length_c   237.852
_cell.angle_alpha   90.000
_cell.angle_beta   90.000
_cell.angle_gamma   120.000
#
_symmetry.space_group_name_H-M   'P 61 2 2'
#
loop_
_entity.id
_entity.type
_entity.pdbx_description
1 polymer 'Epidermal growth factor receptor'
2 polymer 'ERBB receptor feedback inhibitor 1'
3 non-polymer 'SULFATE ION'
#
loop_
_entity_poly.entity_id
_entity_poly.type
_entity_poly.pdbx_seq_one_letter_code
_entity_poly.pdbx_strand_id
1 'polypeptide(L)'
;GAMALLRILKETEFKKIKVLGSGAFGTVYKGLWIPEGEKVKIPVAIKELREATSPKANKEILDEAYVMASVDNPHVCRLL
GICLTSTVQLITQLMPFGCLLDYVREHKDNIGSQYLLNWCVQIAEGMNYLEDRRLVHRDLAARNVLVKTPQHVKITDFGL
AKLLGAEEKEYHAEGGKVPIKWMALESILHRIYTHQSDVWSYGVTVWELMTFGSKPYDGIPASEISSILEKGERLPQPPI
CTIDVYMIMVKCWMIDADSRPKFRELIIEFSKMARDPQRYLVIQGDERMHLPSPTDSNFYRALMDEEDMDDVVDADEYLI
PQQG
;
A,B
2 'polypeptide(L)' SYLNGVMPPTQSFAPDPKYVSSKAL C,D
#
loop_
_chem_comp.id
_chem_comp.type
_chem_comp.name
_chem_comp.formula
SO4 non-polymer 'SULFATE ION' 'O4 S -2'
#
# COMPACT_ATOMS: atom_id res chain seq x y z
N LEU A 5 -6.40 13.23 -22.09
CA LEU A 5 -7.53 12.25 -22.04
C LEU A 5 -8.55 12.62 -20.98
N LEU A 6 -8.08 13.33 -19.96
CA LEU A 6 -8.94 13.76 -18.88
C LEU A 6 -9.55 15.11 -19.27
N ARG A 7 -10.87 15.19 -19.27
CA ARG A 7 -11.52 16.44 -19.65
C ARG A 7 -11.82 17.28 -18.43
N ILE A 8 -11.42 18.54 -18.49
CA ILE A 8 -11.66 19.47 -17.39
C ILE A 8 -13.02 20.14 -17.63
N LEU A 9 -13.98 19.92 -16.73
CA LEU A 9 -15.29 20.51 -16.91
C LEU A 9 -15.54 21.74 -16.04
N LYS A 10 -16.38 22.64 -16.55
CA LYS A 10 -16.77 23.85 -15.84
C LYS A 10 -18.08 23.42 -15.20
N GLU A 11 -18.44 24.01 -14.07
CA GLU A 11 -19.68 23.59 -13.42
C GLU A 11 -20.88 23.84 -14.32
N THR A 12 -20.63 24.52 -15.43
CA THR A 12 -21.69 24.84 -16.40
C THR A 12 -21.85 23.70 -17.41
N GLU A 13 -20.74 23.08 -17.79
CA GLU A 13 -20.74 22.01 -18.79
C GLU A 13 -21.52 20.76 -18.41
N PHE A 14 -22.25 20.79 -17.31
CA PHE A 14 -23.06 19.64 -16.95
C PHE A 14 -24.18 19.98 -15.99
N LYS A 15 -25.16 19.09 -15.87
CA LYS A 15 -26.30 19.31 -14.99
C LYS A 15 -26.81 18.02 -14.35
N LYS A 16 -26.78 17.98 -13.02
CA LYS A 16 -27.24 16.81 -12.28
C LYS A 16 -28.75 16.74 -12.39
N ILE A 17 -29.28 15.71 -13.03
CA ILE A 17 -30.72 15.58 -13.19
C ILE A 17 -31.39 14.84 -12.04
N LYS A 18 -30.87 13.66 -11.71
CA LYS A 18 -31.44 12.87 -10.64
C LYS A 18 -30.35 12.44 -9.66
N VAL A 19 -30.77 11.87 -8.54
CA VAL A 19 -29.84 11.40 -7.52
C VAL A 19 -29.92 9.88 -7.48
N LEU A 20 -29.09 9.22 -8.29
CA LEU A 20 -29.08 7.77 -8.37
C LEU A 20 -28.79 7.13 -7.02
N GLY A 21 -28.30 7.93 -6.08
CA GLY A 21 -27.97 7.42 -4.77
C GLY A 21 -26.63 7.90 -4.29
N SER A 22 -26.41 7.83 -2.98
CA SER A 22 -25.16 8.25 -2.39
C SER A 22 -24.55 7.10 -1.60
N GLY A 23 -23.27 6.83 -1.85
CA GLY A 23 -22.59 5.76 -1.16
C GLY A 23 -21.60 6.30 -0.14
N ALA A 24 -20.40 5.72 -0.15
CA ALA A 24 -19.33 6.09 0.77
C ALA A 24 -19.18 7.60 0.94
N PHE A 25 -18.27 8.18 0.15
CA PHE A 25 -18.02 9.61 0.22
C PHE A 25 -18.60 10.31 -1.00
N GLY A 26 -19.69 11.02 -0.79
CA GLY A 26 -20.33 11.74 -1.88
C GLY A 26 -21.63 11.11 -2.31
N THR A 27 -22.23 11.65 -3.36
CA THR A 27 -23.48 11.14 -3.90
C THR A 27 -23.33 10.97 -5.41
N VAL A 28 -24.16 10.11 -5.99
CA VAL A 28 -24.07 9.87 -7.42
C VAL A 28 -25.30 10.36 -8.11
N TYR A 29 -25.11 11.22 -9.11
CA TYR A 29 -26.25 11.74 -9.85
C TYR A 29 -26.23 11.30 -11.30
N LYS A 30 -27.41 11.12 -11.86
CA LYS A 30 -27.55 10.77 -13.25
C LYS A 30 -27.65 12.14 -13.91
N GLY A 31 -26.65 12.55 -14.67
CA GLY A 31 -26.71 13.85 -15.32
C GLY A 31 -26.52 13.78 -16.82
N LEU A 32 -26.09 14.90 -17.40
CA LEU A 32 -25.84 15.01 -18.84
C LEU A 32 -24.71 16.00 -19.04
N TRP A 33 -23.70 15.58 -19.79
CA TRP A 33 -22.55 16.42 -20.09
C TRP A 33 -22.80 17.22 -21.37
N ILE A 34 -22.89 18.54 -21.25
CA ILE A 34 -23.16 19.42 -22.39
C ILE A 34 -21.93 20.21 -22.85
N PRO A 35 -21.02 19.55 -23.58
CA PRO A 35 -19.80 20.21 -24.06
C PRO A 35 -20.07 21.55 -24.71
N GLU A 36 -19.91 22.62 -23.94
CA GLU A 36 -20.15 23.97 -24.45
C GLU A 36 -19.68 24.12 -25.90
N GLY A 37 -20.56 24.63 -26.75
CA GLY A 37 -20.22 24.83 -28.15
C GLY A 37 -20.66 23.73 -29.09
N GLU A 38 -21.42 22.76 -28.56
CA GLU A 38 -21.91 21.64 -29.35
C GLU A 38 -23.27 21.19 -28.83
N LYS A 39 -24.25 21.15 -29.72
CA LYS A 39 -25.62 20.78 -29.39
C LYS A 39 -25.76 19.43 -28.69
N VAL A 40 -24.71 18.62 -28.82
CA VAL A 40 -24.68 17.27 -28.25
C VAL A 40 -24.81 17.23 -26.74
N LYS A 41 -25.50 16.19 -26.26
CA LYS A 41 -25.70 15.99 -24.83
C LYS A 41 -25.34 14.53 -24.52
N ILE A 42 -24.27 14.33 -23.76
CA ILE A 42 -23.82 12.99 -23.39
C ILE A 42 -24.31 12.53 -22.03
N PRO A 43 -25.06 11.42 -21.98
CA PRO A 43 -25.54 10.95 -20.69
C PRO A 43 -24.34 10.50 -19.89
N VAL A 44 -24.26 10.90 -18.62
CA VAL A 44 -23.16 10.52 -17.74
C VAL A 44 -23.69 10.35 -16.33
N ALA A 45 -22.80 9.99 -15.42
CA ALA A 45 -23.11 9.81 -14.02
C ALA A 45 -22.12 10.67 -13.27
N ILE A 46 -22.63 11.67 -12.56
CA ILE A 46 -21.79 12.58 -11.81
C ILE A 46 -21.68 12.21 -10.35
N LYS A 47 -20.45 12.29 -9.84
CA LYS A 47 -20.17 11.98 -8.44
C LYS A 47 -19.47 13.17 -7.77
N GLU A 48 -20.08 13.66 -6.72
CA GLU A 48 -19.54 14.80 -5.98
C GLU A 48 -18.97 14.26 -4.68
N LEU A 49 -17.67 14.39 -4.52
CA LEU A 49 -16.97 13.90 -3.34
C LEU A 49 -16.99 14.84 -2.13
N ARG A 50 -17.37 14.29 -0.97
CA ARG A 50 -17.41 15.06 0.28
C ARG A 50 -15.96 15.38 0.70
N GLU A 51 -15.66 16.67 0.83
CA GLU A 51 -14.32 17.15 1.20
C GLU A 51 -13.63 16.33 2.29
N PRO A 55 -7.46 15.33 3.03
CA PRO A 55 -6.50 16.36 3.47
C PRO A 55 -5.53 16.83 2.39
N LYS A 56 -5.80 16.45 1.14
CA LYS A 56 -4.94 16.79 0.00
C LYS A 56 -5.32 18.11 -0.69
N ALA A 57 -4.58 18.45 -1.75
CA ALA A 57 -4.81 19.69 -2.50
C ALA A 57 -5.40 19.41 -3.88
N ASN A 58 -5.77 20.48 -4.58
CA ASN A 58 -6.36 20.38 -5.92
C ASN A 58 -5.34 20.07 -7.00
N LYS A 59 -4.10 20.51 -6.80
CA LYS A 59 -3.05 20.27 -7.79
C LYS A 59 -2.69 18.79 -7.84
N GLU A 60 -3.02 18.08 -6.77
CA GLU A 60 -2.73 16.65 -6.64
C GLU A 60 -3.87 15.83 -7.23
N ILE A 61 -5.08 16.05 -6.72
CA ILE A 61 -6.26 15.34 -7.18
C ILE A 61 -6.12 15.10 -8.66
N LEU A 62 -5.78 16.15 -9.38
CA LEU A 62 -5.61 16.12 -10.81
C LEU A 62 -4.71 14.97 -11.24
N ASP A 63 -3.50 14.91 -10.68
CA ASP A 63 -2.55 13.86 -11.04
C ASP A 63 -3.07 12.45 -10.80
N GLU A 64 -4.06 12.32 -9.93
CA GLU A 64 -4.67 11.02 -9.65
C GLU A 64 -5.69 10.73 -10.76
N ALA A 65 -6.55 11.70 -11.03
CA ALA A 65 -7.55 11.54 -12.06
C ALA A 65 -6.83 11.20 -13.34
N TYR A 66 -5.79 11.96 -13.66
CA TYR A 66 -5.05 11.70 -14.86
C TYR A 66 -4.83 10.20 -15.00
N VAL A 67 -4.68 9.52 -13.86
CA VAL A 67 -4.43 8.08 -13.86
C VAL A 67 -5.68 7.21 -13.81
N MET A 68 -6.79 7.76 -13.34
CA MET A 68 -8.03 6.98 -13.30
C MET A 68 -8.66 7.02 -14.68
N ALA A 69 -8.34 8.09 -15.41
CA ALA A 69 -8.86 8.29 -16.76
C ALA A 69 -7.78 7.84 -17.71
N SER A 70 -7.14 6.72 -17.37
CA SER A 70 -6.10 6.16 -18.21
C SER A 70 -6.34 4.68 -18.33
N VAL A 71 -7.19 4.15 -17.44
CA VAL A 71 -7.52 2.73 -17.45
C VAL A 71 -8.39 2.31 -18.64
N ASP A 72 -7.74 1.85 -19.70
CA ASP A 72 -8.47 1.42 -20.88
C ASP A 72 -8.73 -0.08 -20.87
N ASN A 73 -9.96 -0.43 -20.54
CA ASN A 73 -10.35 -1.83 -20.50
C ASN A 73 -11.85 -1.93 -20.43
N PRO A 74 -12.42 -2.92 -21.10
CA PRO A 74 -13.85 -3.21 -21.17
C PRO A 74 -14.52 -3.49 -19.84
N HIS A 75 -13.76 -3.87 -18.83
CA HIS A 75 -14.39 -4.16 -17.56
C HIS A 75 -14.01 -3.23 -16.42
N VAL A 76 -13.20 -2.24 -16.73
CA VAL A 76 -12.78 -1.28 -15.75
C VAL A 76 -13.39 0.03 -16.22
N CYS A 77 -14.37 0.53 -15.48
CA CYS A 77 -15.04 1.78 -15.84
C CYS A 77 -14.02 2.90 -15.80
N ARG A 78 -13.91 3.65 -16.90
CA ARG A 78 -12.96 4.74 -17.01
C ARG A 78 -13.49 6.13 -16.66
N LEU A 79 -12.61 6.98 -16.13
CA LEU A 79 -12.98 8.34 -15.76
C LEU A 79 -12.97 9.12 -17.04
N LEU A 80 -14.00 9.92 -17.26
CA LEU A 80 -14.09 10.70 -18.49
C LEU A 80 -13.69 12.14 -18.28
N GLY A 81 -14.15 12.71 -17.17
CA GLY A 81 -13.82 14.08 -16.86
C GLY A 81 -13.93 14.39 -15.38
N ILE A 82 -13.42 15.56 -14.99
CA ILE A 82 -13.43 16.01 -13.59
C ILE A 82 -13.79 17.49 -13.49
N CYS A 83 -14.42 17.87 -12.38
CA CYS A 83 -14.81 19.26 -12.17
C CYS A 83 -14.32 19.79 -10.83
N LEU A 84 -13.25 20.57 -10.87
CA LEU A 84 -12.68 21.11 -9.65
C LEU A 84 -13.12 22.52 -9.28
N THR A 85 -13.92 22.58 -8.22
CA THR A 85 -14.45 23.83 -7.67
C THR A 85 -14.40 23.73 -6.15
N SER A 86 -15.46 24.20 -5.50
CA SER A 86 -15.55 24.13 -4.05
C SER A 86 -15.61 22.64 -3.68
N THR A 87 -15.96 21.83 -4.67
CA THR A 87 -16.05 20.38 -4.53
C THR A 87 -15.34 19.74 -5.71
N VAL A 88 -15.00 18.46 -5.56
CA VAL A 88 -14.37 17.74 -6.64
C VAL A 88 -15.51 16.87 -7.17
N GLN A 89 -15.77 17.01 -8.48
CA GLN A 89 -16.84 16.26 -9.15
C GLN A 89 -16.29 15.43 -10.28
N LEU A 90 -16.62 14.14 -10.25
CA LEU A 90 -16.13 13.21 -11.25
C LEU A 90 -17.21 12.84 -12.26
N ILE A 91 -16.84 12.93 -13.54
CA ILE A 91 -17.75 12.61 -14.62
C ILE A 91 -17.34 11.34 -15.32
N THR A 92 -18.25 10.36 -15.33
CA THR A 92 -17.99 9.07 -15.96
C THR A 92 -19.17 8.64 -16.83
N GLN A 93 -18.96 7.68 -17.71
CA GLN A 93 -20.07 7.24 -18.53
C GLN A 93 -21.15 6.64 -17.64
N LEU A 94 -22.40 6.93 -17.98
CA LEU A 94 -23.55 6.47 -17.21
C LEU A 94 -23.87 5.00 -17.47
N MET A 95 -23.89 4.19 -16.40
CA MET A 95 -24.24 2.77 -16.53
C MET A 95 -25.70 2.59 -16.08
N PRO A 96 -26.61 2.44 -17.06
CA PRO A 96 -28.06 2.26 -17.02
C PRO A 96 -28.70 1.18 -16.15
N PHE A 97 -28.02 0.08 -15.94
CA PHE A 97 -28.63 -0.98 -15.14
C PHE A 97 -28.30 -1.04 -13.65
N GLY A 98 -27.40 -0.17 -13.21
CA GLY A 98 -27.03 -0.14 -11.79
C GLY A 98 -25.93 -1.08 -11.34
N CYS A 99 -25.65 -1.07 -10.03
CA CYS A 99 -24.62 -1.92 -9.48
C CYS A 99 -25.04 -3.36 -9.49
N LEU A 100 -24.12 -4.23 -9.93
CA LEU A 100 -24.36 -5.65 -10.02
C LEU A 100 -24.82 -6.20 -8.69
N LEU A 101 -24.67 -5.43 -7.62
CA LEU A 101 -25.14 -5.92 -6.33
C LEU A 101 -26.66 -5.83 -6.31
N ASP A 102 -27.20 -4.66 -6.65
CA ASP A 102 -28.65 -4.44 -6.67
C ASP A 102 -29.32 -5.26 -7.77
N TYR A 103 -28.54 -5.72 -8.74
CA TYR A 103 -29.06 -6.51 -9.82
C TYR A 103 -29.40 -7.92 -9.37
N VAL A 104 -28.41 -8.65 -8.85
CA VAL A 104 -28.61 -10.02 -8.40
C VAL A 104 -29.62 -10.14 -7.27
N ARG A 105 -29.99 -9.01 -6.68
CA ARG A 105 -30.94 -9.01 -5.59
C ARG A 105 -32.35 -9.06 -6.15
N GLU A 106 -32.63 -8.16 -7.10
CA GLU A 106 -33.94 -8.07 -7.74
C GLU A 106 -34.06 -9.00 -8.94
N HIS A 107 -33.33 -10.11 -8.91
CA HIS A 107 -33.40 -11.04 -10.01
C HIS A 107 -32.97 -12.40 -9.51
N LYS A 108 -32.81 -12.51 -8.19
CA LYS A 108 -32.40 -13.75 -7.54
C LYS A 108 -32.84 -14.96 -8.35
N ASP A 109 -34.15 -15.15 -8.47
CA ASP A 109 -34.67 -16.27 -9.25
C ASP A 109 -34.89 -15.82 -10.70
N ASN A 110 -33.82 -15.95 -11.49
CA ASN A 110 -33.84 -15.59 -12.90
C ASN A 110 -32.41 -15.48 -13.45
N ILE A 111 -31.44 -15.58 -12.55
CA ILE A 111 -30.03 -15.53 -12.90
C ILE A 111 -29.53 -16.96 -12.85
N GLY A 112 -28.95 -17.42 -13.96
CA GLY A 112 -28.48 -18.79 -14.02
C GLY A 112 -26.99 -19.01 -13.97
N SER A 113 -26.57 -20.23 -14.24
CA SER A 113 -25.16 -20.58 -14.19
C SER A 113 -24.33 -19.71 -15.12
N GLN A 114 -24.48 -19.93 -16.41
CA GLN A 114 -23.72 -19.18 -17.41
C GLN A 114 -23.44 -17.73 -17.01
N TYR A 115 -24.47 -16.98 -16.64
CA TYR A 115 -24.27 -15.58 -16.26
C TYR A 115 -23.37 -15.32 -15.06
N LEU A 116 -23.77 -15.77 -13.87
CA LEU A 116 -22.97 -15.58 -12.67
C LEU A 116 -21.50 -15.82 -12.96
N LEU A 117 -21.20 -17.02 -13.44
CA LEU A 117 -19.83 -17.40 -13.75
C LEU A 117 -19.12 -16.44 -14.69
N ASN A 118 -19.83 -15.93 -15.67
CA ASN A 118 -19.19 -15.00 -16.60
C ASN A 118 -18.71 -13.78 -15.83
N TRP A 119 -19.64 -13.15 -15.13
CA TRP A 119 -19.34 -11.96 -14.33
C TRP A 119 -18.04 -12.14 -13.53
N CYS A 120 -17.90 -13.28 -12.86
CA CYS A 120 -16.67 -13.54 -12.10
C CYS A 120 -15.53 -13.35 -13.08
N VAL A 121 -15.61 -14.07 -14.19
CA VAL A 121 -14.60 -13.99 -15.21
C VAL A 121 -14.38 -12.58 -15.73
N GLN A 122 -15.41 -11.74 -15.75
CA GLN A 122 -15.20 -10.40 -16.22
C GLN A 122 -14.50 -9.57 -15.17
N ILE A 123 -15.10 -9.53 -13.99
CA ILE A 123 -14.54 -8.77 -12.87
C ILE A 123 -13.07 -9.10 -12.70
N ALA A 124 -12.76 -10.39 -12.84
CA ALA A 124 -11.39 -10.86 -12.72
C ALA A 124 -10.54 -10.27 -13.82
N GLU A 125 -11.11 -10.16 -15.02
CA GLU A 125 -10.36 -9.61 -16.12
C GLU A 125 -10.03 -8.15 -15.83
N GLY A 126 -10.97 -7.48 -15.19
CA GLY A 126 -10.78 -6.10 -14.84
C GLY A 126 -9.68 -6.01 -13.81
N MET A 127 -9.85 -6.75 -12.71
CA MET A 127 -8.83 -6.75 -11.66
C MET A 127 -7.47 -7.11 -12.24
N ASN A 128 -7.45 -8.02 -13.21
CA ASN A 128 -6.17 -8.38 -13.78
C ASN A 128 -5.59 -7.23 -14.58
N TYR A 129 -6.46 -6.43 -15.21
CA TYR A 129 -5.99 -5.29 -15.99
C TYR A 129 -5.18 -4.38 -15.08
N LEU A 130 -5.83 -3.93 -14.02
CA LEU A 130 -5.21 -3.06 -13.06
C LEU A 130 -3.92 -3.67 -12.49
N GLU A 131 -3.95 -4.97 -12.17
CA GLU A 131 -2.79 -5.67 -11.62
C GLU A 131 -1.60 -5.51 -12.53
N ASP A 132 -1.78 -5.88 -13.79
CA ASP A 132 -0.73 -5.79 -14.78
C ASP A 132 -0.10 -4.41 -14.84
N ARG A 133 -0.78 -3.41 -14.25
CA ARG A 133 -0.26 -2.05 -14.23
C ARG A 133 0.10 -1.65 -12.83
N ARG A 134 0.23 -2.63 -11.95
CA ARG A 134 0.59 -2.35 -10.57
C ARG A 134 -0.35 -1.32 -9.91
N LEU A 135 -1.63 -1.36 -10.28
CA LEU A 135 -2.65 -0.47 -9.72
C LEU A 135 -3.54 -1.27 -8.77
N VAL A 136 -3.81 -0.71 -7.59
CA VAL A 136 -4.67 -1.42 -6.64
C VAL A 136 -6.02 -0.70 -6.48
N HIS A 137 -7.08 -1.47 -6.38
CA HIS A 137 -8.40 -0.87 -6.26
C HIS A 137 -8.71 -0.48 -4.82
N ARG A 138 -8.59 -1.45 -3.93
CA ARG A 138 -8.84 -1.28 -2.50
C ARG A 138 -10.28 -1.47 -2.03
N ASP A 139 -11.23 -1.02 -2.84
CA ASP A 139 -12.62 -1.20 -2.45
C ASP A 139 -13.45 -1.95 -3.47
N LEU A 140 -12.91 -3.05 -3.98
CA LEU A 140 -13.64 -3.86 -4.92
C LEU A 140 -14.73 -4.61 -4.17
N ALA A 141 -15.99 -4.41 -4.55
CA ALA A 141 -17.10 -5.09 -3.92
C ALA A 141 -18.25 -5.20 -4.90
N ALA A 142 -19.24 -6.02 -4.60
CA ALA A 142 -20.37 -6.18 -5.49
C ALA A 142 -21.02 -4.83 -5.78
N ARG A 143 -20.95 -3.94 -4.80
CA ARG A 143 -21.53 -2.63 -4.96
C ARG A 143 -20.71 -1.71 -5.86
N ASN A 144 -19.59 -2.21 -6.39
CA ASN A 144 -18.76 -1.37 -7.26
C ASN A 144 -18.56 -1.93 -8.66
N VAL A 145 -19.45 -2.84 -9.05
CA VAL A 145 -19.40 -3.42 -10.36
C VAL A 145 -20.72 -3.03 -11.02
N LEU A 146 -20.66 -2.18 -12.03
CA LEU A 146 -21.86 -1.74 -12.70
C LEU A 146 -22.20 -2.70 -13.82
N VAL A 147 -23.43 -2.62 -14.31
CA VAL A 147 -23.90 -3.47 -15.40
C VAL A 147 -24.10 -2.64 -16.66
N LYS A 148 -23.31 -2.88 -17.69
CA LYS A 148 -23.50 -2.12 -18.90
C LYS A 148 -24.76 -2.73 -19.52
N THR A 149 -24.72 -4.06 -19.60
CA THR A 149 -25.79 -4.88 -20.12
C THR A 149 -25.74 -6.12 -19.23
N PRO A 150 -26.87 -6.80 -19.02
CA PRO A 150 -26.88 -7.99 -18.16
C PRO A 150 -25.84 -9.03 -18.53
N GLN A 151 -25.20 -8.87 -19.67
CA GLN A 151 -24.21 -9.82 -20.08
C GLN A 151 -22.79 -9.26 -20.01
N HIS A 152 -22.69 -7.94 -19.79
CA HIS A 152 -21.39 -7.29 -19.70
C HIS A 152 -21.31 -6.33 -18.50
N VAL A 153 -20.48 -6.69 -17.53
CA VAL A 153 -20.31 -5.89 -16.34
C VAL A 153 -18.95 -5.20 -16.30
N LYS A 154 -18.79 -4.22 -15.42
CA LYS A 154 -17.51 -3.54 -15.29
C LYS A 154 -17.29 -2.86 -13.94
N ILE A 155 -16.05 -2.92 -13.49
CA ILE A 155 -15.59 -2.36 -12.22
C ILE A 155 -15.53 -0.84 -12.20
N THR A 156 -16.06 -0.26 -11.13
CA THR A 156 -16.10 1.19 -11.00
C THR A 156 -15.49 1.67 -9.68
N ASP A 157 -15.18 2.96 -9.66
CA ASP A 157 -14.61 3.61 -8.48
C ASP A 157 -13.23 3.11 -8.09
N PHE A 158 -12.36 3.01 -9.08
CA PHE A 158 -10.99 2.61 -8.85
C PHE A 158 -10.25 3.89 -8.51
N GLY A 159 -9.35 3.83 -7.51
CA GLY A 159 -8.55 5.00 -7.15
C GLY A 159 -9.30 6.07 -6.39
N LEU A 160 -10.58 5.82 -6.14
CA LEU A 160 -11.42 6.77 -5.40
C LEU A 160 -11.05 6.66 -3.94
N ALA A 161 -10.94 5.42 -3.48
CA ALA A 161 -10.59 5.14 -2.09
C ALA A 161 -9.24 5.78 -1.78
N LYS A 162 -8.26 5.57 -2.65
CA LYS A 162 -6.95 6.17 -2.42
C LYS A 162 -7.10 7.68 -2.40
N LEU A 163 -8.10 8.18 -3.13
CA LEU A 163 -8.35 9.60 -3.21
C LEU A 163 -9.09 10.16 -2.00
N LEU A 164 -9.78 9.31 -1.26
CA LEU A 164 -10.54 9.77 -0.11
C LEU A 164 -10.14 9.11 1.22
N GLY A 165 -8.85 8.82 1.36
CA GLY A 165 -8.38 8.20 2.58
C GLY A 165 -9.04 6.84 2.83
N LYS A 177 -16.21 5.69 6.42
CA LYS A 177 -16.43 4.32 6.87
C LYS A 177 -15.78 3.32 5.90
N VAL A 178 -14.86 2.52 6.43
CA VAL A 178 -14.16 1.54 5.60
C VAL A 178 -14.85 0.19 5.63
N PRO A 179 -14.84 -0.52 4.49
CA PRO A 179 -15.44 -1.83 4.32
C PRO A 179 -14.58 -2.84 5.03
N ILE A 180 -15.01 -3.28 6.20
CA ILE A 180 -14.20 -4.23 6.92
C ILE A 180 -14.40 -5.63 6.41
N LYS A 181 -15.64 -6.00 6.18
CA LYS A 181 -15.93 -7.35 5.74
C LYS A 181 -15.29 -7.72 4.40
N TRP A 182 -15.12 -6.73 3.53
CA TRP A 182 -14.51 -6.93 2.22
C TRP A 182 -12.97 -6.89 2.21
N MET A 183 -12.37 -6.38 3.30
CA MET A 183 -10.92 -6.26 3.44
C MET A 183 -10.25 -7.50 3.96
N ALA A 184 -9.04 -7.74 3.47
CA ALA A 184 -8.26 -8.89 3.90
C ALA A 184 -7.75 -8.55 5.30
N LEU A 185 -7.38 -9.56 6.06
CA LEU A 185 -6.92 -9.34 7.42
C LEU A 185 -5.83 -8.29 7.52
N GLU A 186 -4.65 -8.59 7.00
CA GLU A 186 -3.55 -7.64 7.06
C GLU A 186 -3.98 -6.21 6.71
N SER A 187 -4.96 -6.06 5.84
CA SER A 187 -5.41 -4.72 5.51
C SER A 187 -6.06 -4.16 6.75
N ILE A 188 -6.95 -4.95 7.35
CA ILE A 188 -7.64 -4.54 8.55
C ILE A 188 -6.64 -4.28 9.68
N LEU A 189 -5.73 -5.20 9.93
CA LEU A 189 -4.75 -5.01 10.98
C LEU A 189 -3.75 -3.94 10.61
N HIS A 190 -2.84 -4.29 9.71
CA HIS A 190 -1.77 -3.38 9.31
C HIS A 190 -2.00 -2.40 8.17
N ARG A 191 -3.25 -2.17 7.79
CA ARG A 191 -3.55 -1.23 6.71
C ARG A 191 -2.62 -1.35 5.50
N ILE A 192 -2.43 -2.58 5.01
CA ILE A 192 -1.55 -2.86 3.88
C ILE A 192 -2.34 -3.29 2.65
N TYR A 193 -2.45 -2.43 1.65
CA TYR A 193 -3.20 -2.80 0.45
C TYR A 193 -2.33 -3.16 -0.74
N THR A 194 -2.55 -4.37 -1.24
CA THR A 194 -1.81 -4.89 -2.38
C THR A 194 -2.74 -5.67 -3.25
N HIS A 195 -2.31 -5.98 -4.47
CA HIS A 195 -3.16 -6.76 -5.36
C HIS A 195 -3.59 -8.00 -4.58
N GLN A 196 -2.64 -8.53 -3.81
CA GLN A 196 -2.86 -9.72 -3.02
C GLN A 196 -4.00 -9.59 -2.06
N SER A 197 -4.39 -8.37 -1.75
CA SER A 197 -5.52 -8.14 -0.86
C SER A 197 -6.76 -8.07 -1.75
N ASP A 198 -6.62 -7.44 -2.91
CA ASP A 198 -7.71 -7.29 -3.86
C ASP A 198 -8.31 -8.64 -4.23
N VAL A 199 -7.50 -9.67 -4.23
CA VAL A 199 -8.00 -11.01 -4.54
C VAL A 199 -8.88 -11.42 -3.37
N TRP A 200 -8.54 -10.94 -2.18
CA TRP A 200 -9.34 -11.29 -1.03
C TRP A 200 -10.70 -10.61 -1.21
N SER A 201 -10.67 -9.35 -1.65
CA SER A 201 -11.89 -8.57 -1.87
C SER A 201 -12.73 -9.30 -2.89
N TYR A 202 -12.07 -9.71 -3.97
CA TYR A 202 -12.69 -10.45 -5.06
C TYR A 202 -13.43 -11.66 -4.53
N GLY A 203 -12.74 -12.43 -3.71
CA GLY A 203 -13.34 -13.60 -3.13
C GLY A 203 -14.66 -13.28 -2.47
N VAL A 204 -14.70 -12.22 -1.67
CA VAL A 204 -15.94 -11.87 -1.02
C VAL A 204 -16.96 -11.45 -2.07
N THR A 205 -16.56 -10.56 -2.98
CA THR A 205 -17.45 -10.10 -4.04
C THR A 205 -18.13 -11.31 -4.68
N VAL A 206 -17.33 -12.32 -5.01
CA VAL A 206 -17.82 -13.55 -5.63
C VAL A 206 -18.81 -14.26 -4.71
N TRP A 207 -18.56 -14.20 -3.41
CA TRP A 207 -19.44 -14.81 -2.43
C TRP A 207 -20.76 -14.07 -2.47
N GLU A 208 -20.69 -12.77 -2.71
CA GLU A 208 -21.89 -11.96 -2.78
C GLU A 208 -22.77 -12.37 -3.94
N LEU A 209 -22.17 -12.55 -5.10
CA LEU A 209 -22.92 -12.95 -6.27
C LEU A 209 -23.54 -14.32 -6.05
N MET A 210 -22.76 -15.22 -5.47
CA MET A 210 -23.22 -16.58 -5.22
C MET A 210 -24.37 -16.70 -4.20
N THR A 211 -24.46 -15.73 -3.28
CA THR A 211 -25.54 -15.73 -2.30
C THR A 211 -26.56 -14.71 -2.79
N PHE A 212 -26.52 -14.49 -4.09
CA PHE A 212 -27.40 -13.55 -4.78
C PHE A 212 -27.56 -12.25 -4.03
N GLY A 213 -26.46 -11.70 -3.53
CA GLY A 213 -26.54 -10.44 -2.82
C GLY A 213 -26.53 -10.52 -1.31
N SER A 214 -26.59 -11.71 -0.76
CA SER A 214 -26.59 -11.85 0.70
C SER A 214 -25.45 -11.03 1.31
N LYS A 215 -25.69 -10.51 2.52
CA LYS A 215 -24.70 -9.71 3.23
C LYS A 215 -23.66 -10.59 3.92
N PRO A 216 -22.36 -10.31 3.72
CA PRO A 216 -21.28 -11.08 4.32
C PRO A 216 -21.19 -10.93 5.84
N TYR A 217 -20.85 -12.02 6.53
CA TYR A 217 -20.73 -12.06 7.98
C TYR A 217 -21.84 -11.28 8.64
N ASP A 218 -23.03 -11.28 8.07
CA ASP A 218 -24.11 -10.53 8.67
C ASP A 218 -24.49 -11.07 10.05
N GLY A 219 -24.38 -10.21 11.05
CA GLY A 219 -24.71 -10.61 12.40
C GLY A 219 -23.47 -10.56 13.25
N ILE A 220 -22.37 -10.15 12.65
CA ILE A 220 -21.10 -10.07 13.36
C ILE A 220 -20.69 -8.61 13.29
N PRO A 221 -20.12 -8.08 14.36
CA PRO A 221 -19.68 -6.67 14.36
C PRO A 221 -18.27 -6.45 13.86
N ALA A 222 -18.13 -5.50 12.94
CA ALA A 222 -16.86 -5.15 12.32
C ALA A 222 -15.66 -5.21 13.27
N SER A 223 -15.80 -4.65 14.45
CA SER A 223 -14.72 -4.67 15.43
C SER A 223 -14.35 -6.10 15.82
N GLU A 224 -15.22 -7.04 15.47
CA GLU A 224 -15.01 -8.44 15.80
C GLU A 224 -14.47 -9.28 14.64
N ILE A 225 -14.81 -8.89 13.41
CA ILE A 225 -14.34 -9.62 12.22
C ILE A 225 -12.87 -10.02 12.40
N SER A 226 -12.02 -9.02 12.59
CA SER A 226 -10.59 -9.22 12.79
C SER A 226 -10.27 -10.47 13.60
N SER A 227 -11.10 -10.70 14.61
CA SER A 227 -10.93 -11.83 15.50
C SER A 227 -11.40 -13.16 14.92
N ILE A 228 -12.65 -13.23 14.49
CA ILE A 228 -13.19 -14.47 13.94
C ILE A 228 -12.43 -14.89 12.70
N LEU A 229 -11.68 -13.96 12.15
CA LEU A 229 -10.92 -14.25 10.96
C LEU A 229 -9.63 -14.95 11.40
N GLU A 230 -9.00 -14.41 12.43
CA GLU A 230 -7.76 -14.96 12.94
C GLU A 230 -7.99 -16.38 13.40
N LYS A 231 -9.17 -16.61 13.96
CA LYS A 231 -9.56 -17.92 14.47
C LYS A 231 -9.79 -18.94 13.36
N GLY A 232 -9.59 -18.47 12.13
CA GLY A 232 -9.76 -19.33 10.97
C GLY A 232 -11.18 -19.54 10.50
N GLU A 233 -12.06 -18.57 10.75
CA GLU A 233 -13.43 -18.68 10.29
C GLU A 233 -13.61 -17.80 9.06
N ARG A 234 -14.17 -18.35 7.98
CA ARG A 234 -14.35 -17.55 6.77
C ARG A 234 -15.80 -17.58 6.32
N LEU A 235 -16.12 -16.86 5.26
CA LEU A 235 -17.49 -16.87 4.76
C LEU A 235 -17.93 -18.31 4.50
N PRO A 236 -19.22 -18.61 4.70
CA PRO A 236 -19.79 -19.94 4.50
C PRO A 236 -19.91 -20.33 3.05
N GLN A 237 -19.98 -21.63 2.81
CA GLN A 237 -20.12 -22.12 1.45
C GLN A 237 -21.55 -21.94 1.00
N PRO A 238 -21.76 -21.11 -0.03
CA PRO A 238 -23.12 -20.89 -0.52
C PRO A 238 -23.76 -22.24 -0.79
N PRO A 239 -25.08 -22.27 -1.03
CA PRO A 239 -25.80 -23.52 -1.30
C PRO A 239 -25.63 -23.98 -2.76
N ILE A 240 -25.74 -23.00 -3.65
CA ILE A 240 -25.64 -23.19 -5.08
C ILE A 240 -24.23 -23.51 -5.56
N CYS A 241 -23.24 -23.34 -4.68
CA CYS A 241 -21.85 -23.58 -5.07
C CYS A 241 -21.27 -24.95 -4.86
N THR A 242 -20.96 -25.66 -5.95
CA THR A 242 -20.36 -26.99 -5.81
C THR A 242 -18.96 -26.80 -5.22
N ILE A 243 -18.66 -27.56 -4.16
CA ILE A 243 -17.38 -27.50 -3.47
C ILE A 243 -16.25 -26.89 -4.30
N ASP A 244 -16.07 -27.38 -5.52
CA ASP A 244 -15.01 -26.89 -6.39
C ASP A 244 -15.00 -25.37 -6.56
N VAL A 245 -16.17 -24.74 -6.54
CA VAL A 245 -16.22 -23.29 -6.69
C VAL A 245 -15.99 -22.62 -5.34
N TYR A 246 -16.62 -23.12 -4.30
CA TYR A 246 -16.42 -22.52 -2.98
C TYR A 246 -14.95 -22.47 -2.60
N MET A 247 -14.20 -23.49 -2.99
CA MET A 247 -12.77 -23.57 -2.64
C MET A 247 -11.86 -22.54 -3.29
N ILE A 248 -12.30 -21.89 -4.35
CA ILE A 248 -11.47 -20.88 -4.97
C ILE A 248 -11.64 -19.60 -4.16
N MET A 249 -12.86 -19.35 -3.73
CA MET A 249 -13.17 -18.19 -2.94
C MET A 249 -12.39 -18.30 -1.64
N VAL A 250 -12.53 -19.46 -1.01
CA VAL A 250 -11.88 -19.75 0.24
C VAL A 250 -10.37 -19.68 0.11
N LYS A 251 -9.86 -20.00 -1.07
CA LYS A 251 -8.43 -19.99 -1.27
C LYS A 251 -7.96 -18.56 -1.51
N CYS A 252 -8.90 -17.61 -1.43
CA CYS A 252 -8.61 -16.20 -1.60
C CYS A 252 -8.54 -15.55 -0.23
N TRP A 253 -9.04 -16.25 0.77
CA TRP A 253 -9.05 -15.71 2.12
C TRP A 253 -8.02 -16.37 3.03
N MET A 254 -6.90 -16.77 2.43
CA MET A 254 -5.85 -17.39 3.20
C MET A 254 -5.11 -16.30 3.93
N ILE A 255 -4.57 -16.64 5.09
CA ILE A 255 -3.84 -15.72 5.93
C ILE A 255 -2.56 -15.25 5.24
N ASP A 256 -1.94 -16.16 4.49
CA ASP A 256 -0.70 -15.82 3.80
C ASP A 256 -0.94 -15.30 2.38
N ALA A 257 -1.13 -13.99 2.29
CA ALA A 257 -1.42 -13.26 1.05
C ALA A 257 -0.78 -13.73 -0.23
N ASP A 258 0.54 -13.86 -0.24
CA ASP A 258 1.25 -14.30 -1.44
C ASP A 258 0.85 -15.70 -1.87
N SER A 259 -0.11 -16.30 -1.17
CA SER A 259 -0.55 -17.66 -1.50
C SER A 259 -1.91 -17.64 -2.13
N ARG A 260 -2.52 -16.47 -2.13
CA ARG A 260 -3.81 -16.33 -2.75
C ARG A 260 -3.62 -16.28 -4.25
N PRO A 261 -4.62 -16.78 -5.00
CA PRO A 261 -4.67 -16.83 -6.47
C PRO A 261 -4.40 -15.46 -7.09
N LYS A 262 -3.57 -15.40 -8.13
CA LYS A 262 -3.36 -14.12 -8.77
C LYS A 262 -4.58 -14.00 -9.67
N PHE A 263 -4.94 -12.81 -10.12
CA PHE A 263 -6.13 -12.72 -10.95
C PHE A 263 -6.06 -13.53 -12.23
N ARG A 264 -4.86 -13.72 -12.78
CA ARG A 264 -4.73 -14.51 -14.01
C ARG A 264 -5.17 -15.95 -13.74
N GLU A 265 -4.76 -16.48 -12.59
CA GLU A 265 -5.12 -17.85 -12.21
C GLU A 265 -6.63 -17.93 -12.09
N LEU A 266 -7.24 -16.89 -11.56
CA LEU A 266 -8.68 -16.87 -11.39
C LEU A 266 -9.41 -16.83 -12.72
N ILE A 267 -9.09 -15.84 -13.54
CA ILE A 267 -9.70 -15.67 -14.88
C ILE A 267 -9.78 -17.02 -15.56
N ILE A 268 -8.74 -17.83 -15.39
CA ILE A 268 -8.72 -19.13 -16.00
C ILE A 268 -9.64 -20.08 -15.26
N GLU A 269 -9.28 -20.44 -14.03
CA GLU A 269 -10.13 -21.34 -13.25
C GLU A 269 -11.58 -21.01 -13.37
N PHE A 270 -11.89 -19.74 -13.68
CA PHE A 270 -13.27 -19.32 -13.81
C PHE A 270 -13.80 -19.35 -15.23
N SER A 271 -12.94 -19.14 -16.22
CA SER A 271 -13.40 -19.20 -17.60
C SER A 271 -13.56 -20.67 -17.97
N LYS A 272 -12.83 -21.52 -17.27
CA LYS A 272 -12.85 -22.96 -17.48
C LYS A 272 -14.14 -23.59 -16.92
N MET A 273 -14.87 -22.85 -16.11
CA MET A 273 -16.09 -23.40 -15.57
C MET A 273 -17.27 -22.84 -16.34
N ALA A 274 -17.06 -21.72 -17.03
CA ALA A 274 -18.14 -21.11 -17.78
C ALA A 274 -18.45 -21.87 -19.07
N ARG A 275 -17.57 -22.82 -19.41
CA ARG A 275 -17.76 -23.64 -20.61
C ARG A 275 -18.72 -24.79 -20.32
N ASP A 276 -19.09 -24.94 -19.05
CA ASP A 276 -20.01 -25.98 -18.63
C ASP A 276 -20.59 -25.54 -17.29
N PRO A 277 -21.16 -24.33 -17.24
CA PRO A 277 -21.74 -23.77 -16.03
C PRO A 277 -22.50 -24.74 -15.14
N GLN A 278 -23.52 -25.37 -15.70
CA GLN A 278 -24.33 -26.32 -14.95
C GLN A 278 -23.57 -27.37 -14.14
N ARG A 279 -22.27 -27.54 -14.42
CA ARG A 279 -21.48 -28.53 -13.72
C ARG A 279 -20.77 -28.00 -12.48
N TYR A 280 -20.71 -26.68 -12.34
CA TYR A 280 -20.06 -26.11 -11.18
C TYR A 280 -21.06 -25.35 -10.33
N LEU A 281 -22.20 -25.01 -10.92
CA LEU A 281 -23.23 -24.31 -10.16
C LEU A 281 -24.55 -25.07 -10.25
N VAL A 282 -25.19 -25.27 -9.09
CA VAL A 282 -26.44 -26.00 -9.01
C VAL A 282 -27.63 -25.08 -8.70
N ILE A 283 -28.16 -24.44 -9.73
CA ILE A 283 -29.28 -23.53 -9.56
C ILE A 283 -30.57 -24.20 -9.99
N GLN A 284 -31.58 -24.23 -9.12
CA GLN A 284 -32.85 -24.86 -9.48
C GLN A 284 -33.58 -24.10 -10.59
N GLY A 285 -33.83 -24.82 -11.68
CA GLY A 285 -34.53 -24.23 -12.81
C GLY A 285 -33.63 -23.35 -13.65
N ASP A 286 -32.45 -23.85 -13.97
CA ASP A 286 -31.49 -23.09 -14.76
C ASP A 286 -31.87 -23.06 -16.24
N GLU A 287 -32.32 -24.20 -16.75
CA GLU A 287 -32.71 -24.34 -18.16
C GLU A 287 -33.79 -23.39 -18.68
N ARG A 288 -34.51 -22.74 -17.77
CA ARG A 288 -35.56 -21.81 -18.15
C ARG A 288 -35.44 -20.48 -17.41
N MET A 289 -34.59 -19.59 -17.92
CA MET A 289 -34.36 -18.29 -17.31
C MET A 289 -33.92 -17.23 -18.34
N HIS A 290 -34.53 -16.05 -18.28
CA HIS A 290 -34.20 -14.97 -19.21
C HIS A 290 -34.27 -13.56 -18.59
N LEU A 291 -33.42 -12.68 -19.08
CA LEU A 291 -33.35 -11.29 -18.61
C LEU A 291 -33.39 -10.32 -19.79
N PRO A 292 -33.68 -9.03 -19.52
CA PRO A 292 -33.75 -7.98 -20.54
C PRO A 292 -32.57 -7.96 -21.52
N GLU A 307 -36.09 8.27 -20.80
CA GLU A 307 -35.17 9.27 -21.33
C GLU A 307 -34.65 8.88 -22.72
N ASP A 308 -34.66 9.84 -23.64
CA ASP A 308 -34.19 9.61 -25.01
C ASP A 308 -34.08 10.91 -25.84
N MET A 309 -35.17 11.30 -26.49
CA MET A 309 -35.18 12.50 -27.33
C MET A 309 -34.10 12.35 -28.40
N ASP A 310 -33.69 13.46 -29.00
CA ASP A 310 -32.66 13.38 -30.04
C ASP A 310 -31.43 14.22 -29.69
N ASP A 311 -30.29 13.77 -30.19
CA ASP A 311 -28.98 14.39 -29.95
C ASP A 311 -28.32 13.76 -28.73
N VAL A 312 -28.85 12.62 -28.32
CA VAL A 312 -28.31 11.88 -27.18
C VAL A 312 -27.20 11.00 -27.70
N VAL A 313 -25.97 11.40 -27.40
CA VAL A 313 -24.80 10.67 -27.83
C VAL A 313 -24.24 9.83 -26.69
N ASP A 314 -23.78 8.62 -27.01
CA ASP A 314 -23.20 7.71 -26.04
C ASP A 314 -21.78 8.18 -25.75
N ALA A 315 -21.39 8.18 -24.48
CA ALA A 315 -20.06 8.60 -24.08
C ALA A 315 -19.06 8.11 -25.11
N ASP A 316 -19.26 6.85 -25.50
CA ASP A 316 -18.46 6.16 -26.50
C ASP A 316 -18.36 6.98 -27.76
N GLU A 317 -19.52 7.45 -28.20
CA GLU A 317 -19.61 8.23 -29.41
C GLU A 317 -18.93 9.59 -29.37
N TYR A 318 -19.02 10.31 -28.26
CA TYR A 318 -18.41 11.64 -28.16
C TYR A 318 -16.88 11.64 -28.03
N LEU A 319 -16.35 10.71 -27.25
CA LEU A 319 -14.90 10.61 -27.06
C LEU A 319 -14.30 9.63 -28.08
N ILE A 320 -14.05 10.11 -29.28
CA ILE A 320 -13.50 9.28 -30.37
C ILE A 320 -12.14 8.59 -30.11
N LEU B 5 0.12 17.21 20.59
CA LEU B 5 0.68 15.96 19.99
C LEU B 5 2.21 16.02 19.83
N LEU B 6 2.72 17.23 19.60
CA LEU B 6 4.15 17.46 19.49
C LEU B 6 4.47 18.41 20.64
N ARG B 7 5.33 18.00 21.56
CA ARG B 7 5.65 18.84 22.71
C ARG B 7 6.67 19.94 22.46
N ILE B 8 6.29 21.17 22.77
CA ILE B 8 7.20 22.30 22.62
C ILE B 8 8.01 22.27 23.94
N LEU B 9 9.30 21.96 23.85
CA LEU B 9 10.13 21.86 25.04
C LEU B 9 11.05 23.02 25.40
N LYS B 10 11.16 23.26 26.71
CA LYS B 10 12.03 24.28 27.28
C LYS B 10 13.39 23.58 27.44
N GLU B 11 14.45 24.30 27.16
CA GLU B 11 15.79 23.75 27.27
C GLU B 11 16.03 23.06 28.63
N THR B 12 15.23 23.44 29.61
CA THR B 12 15.35 22.92 30.98
C THR B 12 14.46 21.73 31.30
N GLU B 13 13.87 21.12 30.28
CA GLU B 13 13.00 19.97 30.49
C GLU B 13 13.68 18.65 30.08
N PHE B 14 14.75 18.75 29.30
CA PHE B 14 15.46 17.56 28.89
C PHE B 14 16.94 17.75 29.14
N LYS B 15 17.55 16.69 29.66
CA LYS B 15 18.97 16.68 30.00
C LYS B 15 19.71 15.71 29.08
N LYS B 16 20.77 16.19 28.44
CA LYS B 16 21.58 15.34 27.56
C LYS B 16 22.57 14.58 28.44
N ILE B 17 22.44 13.25 28.52
CA ILE B 17 23.34 12.48 29.38
C ILE B 17 24.63 11.96 28.76
N LYS B 18 24.55 11.39 27.56
CA LYS B 18 25.73 10.88 26.89
C LYS B 18 25.56 11.00 25.38
N VAL B 19 26.65 11.27 24.67
CA VAL B 19 26.54 11.34 23.21
C VAL B 19 26.49 9.91 22.69
N LEU B 20 25.69 9.69 21.64
CA LEU B 20 25.54 8.37 21.06
C LEU B 20 26.14 8.20 19.70
N GLY B 21 25.80 9.10 18.79
CA GLY B 21 26.32 9.02 17.44
C GLY B 21 26.19 10.36 16.77
N SER B 22 26.81 10.50 15.61
CA SER B 22 26.77 11.75 14.89
C SER B 22 26.68 11.51 13.40
N GLY B 23 26.73 12.59 12.63
CA GLY B 23 26.68 12.47 11.19
C GLY B 23 25.73 13.38 10.43
N ALA B 24 25.98 13.44 9.12
CA ALA B 24 25.22 14.22 8.15
C ALA B 24 24.36 15.38 8.61
N PHE B 25 23.22 15.05 9.23
CA PHE B 25 22.26 16.05 9.67
C PHE B 25 22.23 16.46 11.14
N GLY B 26 22.61 15.56 12.03
CA GLY B 26 22.62 15.91 13.44
C GLY B 26 23.62 15.15 14.26
N THR B 27 23.41 15.16 15.58
CA THR B 27 24.25 14.43 16.53
C THR B 27 23.24 13.96 17.59
N VAL B 28 23.43 12.74 18.08
CA VAL B 28 22.49 12.20 19.05
C VAL B 28 23.06 11.99 20.45
N TYR B 29 22.17 12.03 21.45
CA TYR B 29 22.59 11.82 22.82
C TYR B 29 21.50 10.99 23.47
N LYS B 30 21.84 10.26 24.53
CA LYS B 30 20.87 9.45 25.23
C LYS B 30 20.57 10.14 26.53
N GLY B 31 19.79 11.22 26.46
CA GLY B 31 19.44 11.95 27.66
C GLY B 31 18.18 11.55 28.40
N LEU B 32 17.63 12.52 29.12
CA LEU B 32 16.40 12.33 29.88
C LEU B 32 15.48 13.48 29.59
N TRP B 33 14.20 13.31 29.89
CA TRP B 33 13.22 14.36 29.67
C TRP B 33 12.31 14.45 30.87
N ILE B 34 12.39 15.56 31.58
CA ILE B 34 11.57 15.78 32.76
C ILE B 34 10.55 16.88 32.49
N PRO B 35 9.34 16.51 32.06
CA PRO B 35 8.28 17.47 31.78
C PRO B 35 8.02 18.39 32.97
N GLU B 36 8.35 19.67 32.81
CA GLU B 36 8.16 20.67 33.85
C GLU B 36 6.86 20.48 34.63
N GLY B 37 6.96 20.49 35.94
CA GLY B 37 5.77 20.35 36.77
C GLY B 37 5.27 18.94 37.09
N GLU B 38 6.04 17.93 36.70
CA GLU B 38 5.65 16.56 36.97
C GLU B 38 6.78 15.86 37.71
N LYS B 39 6.51 14.65 38.19
CA LYS B 39 7.49 13.87 38.91
C LYS B 39 7.80 12.61 38.08
N VAL B 40 8.01 12.82 36.79
CA VAL B 40 8.29 11.72 35.87
C VAL B 40 9.52 12.02 35.02
N LYS B 41 10.40 11.04 34.91
CA LYS B 41 11.59 11.21 34.10
C LYS B 41 11.45 10.27 32.92
N ILE B 42 11.74 10.77 31.72
CA ILE B 42 11.59 9.94 30.52
C ILE B 42 12.88 9.73 29.75
N PRO B 43 13.20 8.46 29.46
CA PRO B 43 14.42 8.09 28.71
C PRO B 43 14.16 8.49 27.26
N VAL B 44 14.95 9.41 26.75
CA VAL B 44 14.76 9.85 25.39
C VAL B 44 16.07 10.01 24.65
N ALA B 45 15.97 10.16 23.33
CA ALA B 45 17.15 10.34 22.51
C ALA B 45 17.04 11.72 21.91
N ILE B 46 17.92 12.62 22.35
CA ILE B 46 17.91 13.98 21.84
C ILE B 46 18.84 14.11 20.64
N LYS B 47 18.34 14.71 19.57
CA LYS B 47 19.14 14.90 18.38
C LYS B 47 19.17 16.40 18.06
N GLU B 48 20.36 16.98 18.10
CA GLU B 48 20.51 18.38 17.80
C GLU B 48 20.90 18.43 16.35
N LEU B 49 20.41 19.42 15.60
CA LEU B 49 20.71 19.51 14.17
C LEU B 49 21.78 20.54 13.79
N ARG B 50 22.24 20.46 12.54
CA ARG B 50 23.27 21.37 12.03
C ARG B 50 22.66 22.69 11.55
N GLU B 51 23.53 23.67 11.25
CA GLU B 51 23.09 24.99 10.80
C GLU B 51 23.00 25.10 9.26
N LYS B 56 16.19 28.77 8.43
CA LYS B 56 14.76 28.46 8.33
C LYS B 56 13.87 29.09 9.42
N ALA B 57 12.64 29.42 9.02
CA ALA B 57 11.64 30.05 9.88
C ALA B 57 11.21 29.20 11.05
N ASN B 58 10.63 29.84 12.06
CA ASN B 58 10.16 29.12 13.24
C ASN B 58 8.87 28.38 12.90
N LYS B 59 8.35 28.65 11.70
CA LYS B 59 7.10 28.05 11.23
C LYS B 59 7.35 26.79 10.45
N GLU B 60 7.85 26.92 9.22
CA GLU B 60 8.10 25.72 8.44
C GLU B 60 8.80 24.66 9.28
N ILE B 61 9.56 25.06 10.30
CA ILE B 61 10.20 24.06 11.15
C ILE B 61 9.11 23.22 11.79
N LEU B 62 8.16 23.89 12.46
CA LEU B 62 7.05 23.22 13.11
C LEU B 62 6.15 22.54 12.12
N ASP B 63 5.57 23.31 11.21
CA ASP B 63 4.68 22.74 10.19
C ASP B 63 5.18 21.35 9.84
N GLU B 64 6.48 21.24 9.63
CA GLU B 64 7.13 19.99 9.28
C GLU B 64 7.29 19.06 10.48
N ALA B 65 7.65 19.63 11.62
CA ALA B 65 7.82 18.86 12.84
C ALA B 65 6.49 18.27 13.31
N TYR B 66 5.38 18.87 12.89
CA TYR B 66 4.04 18.39 13.28
C TYR B 66 3.76 17.07 12.58
N VAL B 67 4.09 17.02 11.29
CA VAL B 67 3.88 15.82 10.51
C VAL B 67 4.59 14.70 11.25
N MET B 68 5.90 14.85 11.37
CA MET B 68 6.77 13.89 12.02
C MET B 68 6.23 13.40 13.36
N ALA B 69 5.57 14.29 14.09
CA ALA B 69 5.04 13.90 15.38
C ALA B 69 3.67 13.23 15.25
N SER B 70 3.24 12.97 14.02
CA SER B 70 1.94 12.36 13.81
C SER B 70 2.02 10.90 13.40
N VAL B 71 3.04 10.55 12.64
CA VAL B 71 3.20 9.18 12.17
C VAL B 71 2.98 8.10 13.23
N ASP B 72 1.75 7.61 13.31
CA ASP B 72 1.38 6.54 14.24
C ASP B 72 1.44 5.22 13.49
N ASN B 73 2.53 4.50 13.70
CA ASN B 73 2.75 3.20 13.05
C ASN B 73 3.90 2.48 13.75
N PRO B 74 3.71 1.20 14.07
CA PRO B 74 4.68 0.34 14.75
C PRO B 74 6.13 0.31 14.22
N HIS B 75 6.30 0.51 12.93
CA HIS B 75 7.64 0.44 12.38
C HIS B 75 8.20 1.78 11.92
N VAL B 76 7.73 2.85 12.54
CA VAL B 76 8.23 4.19 12.22
C VAL B 76 8.28 4.98 13.52
N CYS B 77 9.48 5.41 13.90
CA CYS B 77 9.64 6.16 15.11
C CYS B 77 8.97 7.53 14.98
N ARG B 78 8.10 7.83 15.95
CA ARG B 78 7.35 9.08 15.97
C ARG B 78 8.01 10.11 16.88
N LEU B 79 7.88 11.38 16.50
CA LEU B 79 8.46 12.49 17.26
C LEU B 79 7.61 12.81 18.49
N LEU B 80 8.28 13.08 19.61
CA LEU B 80 7.58 13.38 20.85
C LEU B 80 7.53 14.88 21.14
N GLY B 81 8.68 15.54 21.04
CA GLY B 81 8.74 16.97 21.30
C GLY B 81 9.89 17.63 20.58
N ILE B 82 9.97 18.96 20.68
CA ILE B 82 11.05 19.70 20.03
C ILE B 82 11.43 20.88 20.90
N CYS B 83 12.60 21.45 20.62
CA CYS B 83 13.08 22.60 21.38
C CYS B 83 13.72 23.60 20.42
N LEU B 84 13.10 24.77 20.32
CA LEU B 84 13.57 25.80 19.42
C LEU B 84 14.33 26.87 20.18
N THR B 85 15.64 26.91 19.94
CA THR B 85 16.53 27.88 20.57
C THR B 85 17.48 28.33 19.48
N SER B 86 18.76 28.34 19.79
CA SER B 86 19.77 28.72 18.81
C SER B 86 19.71 27.64 17.72
N THR B 87 19.40 26.42 18.15
CA THR B 87 19.30 25.27 17.26
C THR B 87 18.16 24.38 17.67
N VAL B 88 17.60 23.67 16.69
CA VAL B 88 16.47 22.80 16.94
C VAL B 88 16.85 21.39 17.40
N GLN B 89 16.37 21.02 18.58
CA GLN B 89 16.63 19.69 19.12
C GLN B 89 15.31 18.91 19.11
N LEU B 90 15.34 17.70 18.56
CA LEU B 90 14.14 16.88 18.49
C LEU B 90 14.19 15.82 19.57
N ILE B 91 13.05 15.46 20.14
CA ILE B 91 13.00 14.46 21.18
C ILE B 91 12.21 13.24 20.73
N THR B 92 12.85 12.08 20.80
CA THR B 92 12.19 10.84 20.41
C THR B 92 12.34 9.81 21.52
N GLN B 93 11.53 8.75 21.50
CA GLN B 93 11.62 7.73 22.54
C GLN B 93 12.94 7.04 22.39
N LEU B 94 13.51 6.59 23.51
CA LEU B 94 14.82 5.94 23.50
C LEU B 94 14.81 4.49 23.06
N MET B 95 15.68 4.17 22.10
CA MET B 95 15.79 2.80 21.60
C MET B 95 17.10 2.21 22.12
N PRO B 96 17.03 1.52 23.27
CA PRO B 96 18.12 0.86 24.01
C PRO B 96 19.11 -0.02 23.23
N PHE B 97 18.62 -0.81 22.27
CA PHE B 97 19.51 -1.69 21.50
C PHE B 97 20.21 -0.98 20.37
N GLY B 98 19.88 0.29 20.18
CA GLY B 98 20.54 1.06 19.15
C GLY B 98 20.15 0.72 17.73
N CYS B 99 20.90 1.25 16.78
CA CYS B 99 20.62 1.02 15.38
C CYS B 99 20.93 -0.40 15.02
N LEU B 100 20.30 -0.86 13.94
CA LEU B 100 20.46 -2.20 13.43
C LEU B 100 21.84 -2.36 12.80
N LEU B 101 22.46 -1.27 12.38
CA LEU B 101 23.79 -1.37 11.79
C LEU B 101 24.81 -1.79 12.84
N ASP B 102 24.92 -1.00 13.90
CA ASP B 102 25.86 -1.33 14.96
C ASP B 102 25.41 -2.59 15.67
N TYR B 103 24.34 -3.21 15.15
CA TYR B 103 23.80 -4.44 15.73
C TYR B 103 24.24 -5.66 14.93
N VAL B 104 23.95 -5.65 13.65
CA VAL B 104 24.34 -6.76 12.80
C VAL B 104 25.85 -6.86 12.73
N ARG B 105 26.57 -5.83 13.17
CA ARG B 105 28.02 -5.85 13.13
C ARG B 105 28.50 -6.47 14.44
N GLU B 106 27.70 -6.30 15.48
CA GLU B 106 28.05 -6.85 16.78
C GLU B 106 27.49 -8.24 16.97
N HIS B 107 26.81 -8.77 15.97
CA HIS B 107 26.26 -10.11 16.09
C HIS B 107 26.46 -10.94 14.84
N LYS B 108 27.40 -10.49 14.00
CA LYS B 108 27.74 -11.15 12.74
C LYS B 108 27.33 -12.61 12.76
N ASP B 109 27.90 -13.39 13.67
CA ASP B 109 27.55 -14.80 13.74
C ASP B 109 26.70 -15.21 14.92
N ASN B 110 25.40 -14.94 14.78
CA ASN B 110 24.40 -15.29 15.76
C ASN B 110 23.06 -14.77 15.25
N ILE B 111 23.12 -14.11 14.09
CA ILE B 111 21.94 -13.57 13.42
C ILE B 111 21.45 -14.60 12.44
N GLY B 112 20.21 -15.04 12.63
CA GLY B 112 19.63 -16.04 11.74
C GLY B 112 19.10 -15.47 10.44
N SER B 113 18.69 -16.34 9.53
CA SER B 113 18.15 -15.90 8.26
C SER B 113 16.68 -15.57 8.49
N GLN B 114 16.16 -15.99 9.63
CA GLN B 114 14.77 -15.73 9.99
C GLN B 114 14.65 -14.30 10.48
N TYR B 115 15.65 -13.83 11.20
CA TYR B 115 15.63 -12.47 11.68
C TYR B 115 15.92 -11.54 10.50
N LEU B 116 17.06 -11.75 9.86
CA LEU B 116 17.43 -10.94 8.71
C LEU B 116 16.23 -10.66 7.80
N LEU B 117 15.57 -11.72 7.34
CA LEU B 117 14.42 -11.54 6.45
C LEU B 117 13.28 -10.77 7.11
N ASN B 118 12.93 -11.14 8.33
CA ASN B 118 11.86 -10.47 9.02
C ASN B 118 12.08 -8.99 9.26
N TRP B 119 13.34 -8.56 9.28
CA TRP B 119 13.60 -7.14 9.47
C TRP B 119 13.26 -6.46 8.16
N CYS B 120 13.58 -7.11 7.05
CA CYS B 120 13.27 -6.57 5.74
C CYS B 120 11.78 -6.27 5.65
N VAL B 121 10.97 -7.25 6.04
CA VAL B 121 9.52 -7.09 6.00
C VAL B 121 9.04 -5.96 6.92
N GLN B 122 9.74 -5.78 8.03
CA GLN B 122 9.35 -4.74 8.98
C GLN B 122 9.73 -3.38 8.49
N ILE B 123 10.92 -3.28 7.92
CA ILE B 123 11.40 -2.01 7.36
C ILE B 123 10.50 -1.72 6.17
N ALA B 124 10.21 -2.77 5.41
CA ALA B 124 9.36 -2.64 4.25
C ALA B 124 8.04 -2.09 4.74
N GLU B 125 7.33 -2.88 5.54
CA GLU B 125 6.05 -2.44 6.07
C GLU B 125 6.04 -0.97 6.42
N GLY B 126 6.97 -0.59 7.31
CA GLY B 126 7.09 0.79 7.76
C GLY B 126 7.12 1.81 6.66
N MET B 127 8.14 1.73 5.80
CA MET B 127 8.27 2.65 4.68
C MET B 127 6.95 2.79 3.94
N ASN B 128 6.31 1.67 3.66
CA ASN B 128 5.02 1.70 2.99
C ASN B 128 4.15 2.70 3.76
N TYR B 129 4.06 2.51 5.07
CA TYR B 129 3.25 3.43 5.89
C TYR B 129 3.44 4.88 5.46
N LEU B 130 4.69 5.28 5.30
CA LEU B 130 4.99 6.64 4.90
C LEU B 130 4.49 6.99 3.50
N GLU B 131 4.65 6.06 2.56
CA GLU B 131 4.23 6.27 1.17
C GLU B 131 2.74 6.46 1.12
N ASP B 132 2.04 5.78 2.01
CA ASP B 132 0.61 5.93 2.03
C ASP B 132 0.26 7.33 2.46
N ARG B 133 1.17 7.98 3.18
CA ARG B 133 0.93 9.36 3.65
C ARG B 133 1.68 10.38 2.82
N ARG B 134 2.03 10.01 1.60
CA ARG B 134 2.76 10.87 0.68
C ARG B 134 4.01 11.50 1.33
N LEU B 135 4.65 10.73 2.19
CA LEU B 135 5.84 11.19 2.89
C LEU B 135 7.08 10.50 2.33
N VAL B 136 8.12 11.27 2.04
CA VAL B 136 9.37 10.70 1.54
C VAL B 136 10.37 10.74 2.70
N HIS B 137 11.19 9.70 2.82
CA HIS B 137 12.16 9.65 3.91
C HIS B 137 13.47 10.34 3.54
N ARG B 138 13.89 10.19 2.30
CA ARG B 138 15.11 10.83 1.85
C ARG B 138 16.42 10.21 2.40
N ASP B 139 16.44 9.83 3.67
CA ASP B 139 17.65 9.23 4.23
C ASP B 139 17.45 7.90 4.92
N LEU B 140 17.04 6.90 4.17
CA LEU B 140 16.83 5.57 4.72
C LEU B 140 18.19 4.87 4.68
N ALA B 141 18.51 4.12 5.73
CA ALA B 141 19.79 3.40 5.81
C ALA B 141 19.83 2.51 7.04
N ALA B 142 20.85 1.67 7.12
CA ALA B 142 20.99 0.74 8.23
C ALA B 142 20.98 1.50 9.54
N ARG B 143 21.74 2.59 9.56
CA ARG B 143 21.88 3.44 10.74
C ARG B 143 20.58 4.04 11.23
N ASN B 144 19.70 4.43 10.30
CA ASN B 144 18.44 5.04 10.69
C ASN B 144 17.33 4.06 11.02
N VAL B 145 17.70 2.83 11.34
CA VAL B 145 16.74 1.81 11.73
C VAL B 145 17.06 1.36 13.15
N LEU B 146 16.29 1.84 14.12
CA LEU B 146 16.55 1.48 15.51
C LEU B 146 15.91 0.15 15.82
N VAL B 147 16.21 -0.36 17.02
CA VAL B 147 15.74 -1.67 17.46
C VAL B 147 14.98 -1.66 18.77
N LYS B 148 13.65 -1.67 18.74
CA LYS B 148 12.95 -1.70 20.02
C LYS B 148 13.39 -3.00 20.70
N THR B 149 13.32 -4.11 19.95
CA THR B 149 13.76 -5.43 20.43
C THR B 149 14.33 -6.09 19.20
N PRO B 150 15.06 -7.22 19.35
CA PRO B 150 15.64 -7.90 18.18
C PRO B 150 14.58 -8.38 17.19
N GLN B 151 13.42 -8.73 17.74
CA GLN B 151 12.33 -9.22 16.94
C GLN B 151 11.39 -8.11 16.48
N HIS B 152 11.86 -6.88 16.52
CA HIS B 152 11.05 -5.73 16.11
C HIS B 152 11.87 -4.46 16.01
N VAL B 153 12.07 -4.00 14.78
CA VAL B 153 12.83 -2.77 14.54
C VAL B 153 11.85 -1.71 14.08
N LYS B 154 12.36 -0.49 13.89
CA LYS B 154 11.53 0.61 13.43
C LYS B 154 12.39 1.72 12.86
N ILE B 155 11.93 2.31 11.76
CA ILE B 155 12.67 3.37 11.11
C ILE B 155 12.66 4.62 11.97
N THR B 156 13.53 5.56 11.64
CA THR B 156 13.65 6.80 12.39
C THR B 156 14.38 7.81 11.53
N ASP B 157 14.46 9.05 12.02
CA ASP B 157 15.14 10.10 11.27
C ASP B 157 14.34 10.35 9.99
N PHE B 158 13.03 10.19 10.13
CA PHE B 158 12.08 10.39 9.04
C PHE B 158 12.04 11.86 8.60
N GLY B 159 12.04 12.08 7.30
CA GLY B 159 11.97 13.43 6.74
C GLY B 159 12.77 14.51 7.44
N LEU B 160 13.98 14.15 7.88
CA LEU B 160 14.85 15.08 8.57
C LEU B 160 15.59 15.89 7.53
N ALA B 161 16.16 15.16 6.57
CA ALA B 161 16.92 15.76 5.49
C ALA B 161 16.16 16.86 4.76
N LYS B 162 14.85 16.87 4.90
CA LYS B 162 14.08 17.92 4.25
C LYS B 162 14.13 19.15 5.13
N LEU B 163 13.86 18.92 6.42
CA LEU B 163 13.84 19.98 7.42
C LEU B 163 15.12 20.81 7.37
N LEU B 164 16.21 20.20 6.95
CA LEU B 164 17.49 20.90 6.87
C LEU B 164 17.69 21.55 5.52
N GLY B 165 17.08 21.00 4.48
CA GLY B 165 17.23 21.62 3.18
C GLY B 165 18.18 20.95 2.20
N ALA B 166 17.80 19.76 1.75
CA ALA B 166 18.59 19.00 0.78
C ALA B 166 17.95 19.23 -0.60
N GLU B 167 16.74 19.81 -0.60
CA GLU B 167 16.02 20.10 -1.83
C GLU B 167 16.50 21.42 -2.44
N GLY B 176 27.82 21.99 3.62
CA GLY B 176 26.85 20.95 3.93
C GLY B 176 27.27 19.59 3.40
N LYS B 177 26.42 18.57 3.58
CA LYS B 177 26.72 17.22 3.10
C LYS B 177 25.49 16.32 2.91
N VAL B 178 25.68 15.23 2.16
CA VAL B 178 24.62 14.25 1.87
C VAL B 178 25.21 12.86 1.63
N PRO B 179 24.50 11.80 2.08
CA PRO B 179 24.90 10.40 1.94
C PRO B 179 24.71 9.84 0.53
N ILE B 180 25.70 10.06 -0.32
CA ILE B 180 25.66 9.60 -1.71
C ILE B 180 25.56 8.07 -1.85
N LYS B 181 26.17 7.35 -0.92
CA LYS B 181 26.18 5.89 -0.92
C LYS B 181 24.80 5.23 -0.84
N TRP B 182 23.79 5.97 -0.39
CA TRP B 182 22.44 5.43 -0.27
C TRP B 182 21.42 6.04 -1.24
N MET B 183 21.77 7.18 -1.80
CA MET B 183 20.90 7.92 -2.71
C MET B 183 20.69 7.33 -4.09
N ALA B 184 19.46 7.47 -4.58
CA ALA B 184 19.11 6.98 -5.90
C ALA B 184 19.87 7.84 -6.88
N LEU B 185 20.24 7.29 -8.02
CA LEU B 185 20.98 8.05 -9.01
C LEU B 185 20.47 9.48 -9.14
N GLU B 186 19.16 9.63 -9.35
CA GLU B 186 18.54 10.96 -9.51
C GLU B 186 18.74 11.87 -8.30
N SER B 187 18.51 11.35 -7.10
CA SER B 187 18.67 12.14 -5.90
C SER B 187 20.07 12.77 -5.90
N ILE B 188 20.95 12.22 -6.71
CA ILE B 188 22.29 12.76 -6.78
C ILE B 188 22.41 13.74 -7.94
N LEU B 189 22.06 13.29 -9.14
CA LEU B 189 22.17 14.15 -10.31
C LEU B 189 21.19 15.31 -10.34
N HIS B 190 20.03 15.16 -9.71
CA HIS B 190 19.06 16.22 -9.77
C HIS B 190 18.31 16.46 -8.48
N ARG B 191 18.96 16.19 -7.36
CA ARG B 191 18.33 16.40 -6.06
C ARG B 191 16.84 16.06 -6.15
N ILE B 192 16.54 14.89 -6.68
CA ILE B 192 15.16 14.43 -6.81
C ILE B 192 14.83 13.42 -5.71
N TYR B 193 13.65 13.56 -5.12
CA TYR B 193 13.22 12.66 -4.06
C TYR B 193 11.78 12.20 -4.25
N THR B 194 11.63 11.02 -4.83
CA THR B 194 10.34 10.39 -5.06
C THR B 194 10.29 9.32 -3.99
N HIS B 195 9.30 8.45 -4.04
CA HIS B 195 9.26 7.36 -3.07
C HIS B 195 10.19 6.30 -3.63
N GLN B 196 10.15 6.16 -4.95
CA GLN B 196 10.97 5.18 -5.63
C GLN B 196 12.45 5.35 -5.33
N SER B 197 12.83 6.55 -4.90
CA SER B 197 14.23 6.80 -4.57
C SER B 197 14.45 6.10 -3.24
N ASP B 198 13.45 6.20 -2.36
CA ASP B 198 13.52 5.58 -1.05
C ASP B 198 13.60 4.08 -1.23
N VAL B 199 12.94 3.57 -2.25
CA VAL B 199 12.99 2.16 -2.53
C VAL B 199 14.46 1.84 -2.74
N TRP B 200 15.10 2.61 -3.62
CA TRP B 200 16.51 2.41 -3.91
C TRP B 200 17.26 2.39 -2.59
N SER B 201 17.07 3.42 -1.76
CA SER B 201 17.72 3.48 -0.45
C SER B 201 17.51 2.16 0.28
N TYR B 202 16.24 1.73 0.35
CA TYR B 202 15.86 0.48 0.99
C TYR B 202 16.69 -0.64 0.41
N GLY B 203 17.02 -0.52 -0.87
CA GLY B 203 17.85 -1.51 -1.54
C GLY B 203 19.14 -1.63 -0.76
N VAL B 204 19.93 -0.56 -0.78
CA VAL B 204 21.20 -0.55 -0.07
C VAL B 204 21.04 -0.89 1.42
N THR B 205 19.88 -0.57 1.99
CA THR B 205 19.65 -0.85 3.40
C THR B 205 19.69 -2.33 3.63
N VAL B 206 19.00 -3.08 2.77
CA VAL B 206 18.97 -4.52 2.91
C VAL B 206 20.39 -5.02 2.64
N TRP B 207 21.01 -4.51 1.59
CA TRP B 207 22.36 -4.93 1.26
C TRP B 207 23.23 -4.86 2.49
N GLU B 208 23.07 -3.81 3.29
CA GLU B 208 23.84 -3.65 4.51
C GLU B 208 23.53 -4.84 5.40
N LEU B 209 22.25 -5.01 5.72
CA LEU B 209 21.82 -6.11 6.56
C LEU B 209 22.34 -7.47 6.11
N MET B 210 22.12 -7.80 4.84
CA MET B 210 22.55 -9.08 4.30
C MET B 210 24.05 -9.25 4.30
N THR B 211 24.78 -8.17 4.53
CA THR B 211 26.24 -8.24 4.55
C THR B 211 26.73 -8.07 5.99
N PHE B 212 25.77 -8.01 6.91
CA PHE B 212 26.07 -7.87 8.32
C PHE B 212 26.90 -6.63 8.58
N GLY B 213 26.57 -5.55 7.88
CA GLY B 213 27.27 -4.32 8.12
C GLY B 213 28.16 -3.76 7.02
N SER B 214 28.60 -4.62 6.12
CA SER B 214 29.49 -4.16 5.05
C SER B 214 29.26 -2.70 4.64
N LYS B 215 30.35 -1.97 4.40
CA LYS B 215 30.25 -0.59 4.01
C LYS B 215 30.09 -0.55 2.49
N PRO B 216 28.90 -0.17 2.00
CA PRO B 216 28.58 -0.08 0.58
C PRO B 216 29.62 0.67 -0.24
N TYR B 217 30.05 0.06 -1.34
CA TYR B 217 31.05 0.67 -2.22
C TYR B 217 32.30 1.06 -1.44
N ASP B 218 32.74 0.19 -0.53
CA ASP B 218 33.92 0.47 0.28
C ASP B 218 35.15 0.72 -0.58
N GLY B 219 35.90 1.76 -0.22
CA GLY B 219 37.10 2.08 -0.97
C GLY B 219 36.74 2.82 -2.25
N ILE B 220 35.67 3.59 -2.19
CA ILE B 220 35.24 4.34 -3.37
C ILE B 220 34.80 5.75 -3.03
N PRO B 221 35.49 6.74 -3.63
CA PRO B 221 35.20 8.16 -3.43
C PRO B 221 33.78 8.51 -3.82
N ALA B 222 33.08 9.18 -2.92
CA ALA B 222 31.69 9.57 -3.18
C ALA B 222 31.61 10.35 -4.47
N SER B 223 32.70 11.02 -4.82
CA SER B 223 32.75 11.82 -6.04
C SER B 223 32.37 11.05 -7.30
N GLU B 224 32.91 9.84 -7.43
CA GLU B 224 32.69 8.99 -8.60
C GLU B 224 31.45 8.10 -8.58
N ILE B 225 30.78 7.99 -7.44
CA ILE B 225 29.58 7.16 -7.34
C ILE B 225 28.60 7.45 -8.48
N SER B 226 28.27 8.71 -8.66
CA SER B 226 27.35 9.09 -9.72
C SER B 226 27.81 8.48 -11.04
N SER B 227 29.10 8.63 -11.31
CA SER B 227 29.70 8.12 -12.54
C SER B 227 29.80 6.59 -12.70
N ILE B 228 29.85 5.84 -11.60
CA ILE B 228 29.95 4.38 -11.70
C ILE B 228 28.59 3.69 -11.91
N LEU B 229 27.53 4.29 -11.39
CA LEU B 229 26.21 3.70 -11.57
C LEU B 229 25.85 3.80 -13.02
N GLU B 230 25.93 5.01 -13.55
CA GLU B 230 25.60 5.28 -14.94
C GLU B 230 26.26 4.30 -15.89
N LYS B 231 27.37 3.71 -15.46
CA LYS B 231 28.07 2.75 -16.31
C LYS B 231 27.46 1.35 -16.18
N GLY B 232 26.71 1.14 -15.11
CA GLY B 232 26.05 -0.14 -14.90
C GLY B 232 26.78 -0.99 -13.90
N GLU B 233 26.87 -0.51 -12.66
CA GLU B 233 27.54 -1.26 -11.61
C GLU B 233 26.76 -1.01 -10.34
N ARG B 234 26.60 -2.02 -9.50
CA ARG B 234 25.87 -1.83 -8.26
C ARG B 234 26.49 -2.69 -7.18
N LEU B 235 26.05 -2.50 -5.93
CA LEU B 235 26.57 -3.30 -4.81
C LEU B 235 26.62 -4.77 -5.20
N PRO B 236 27.70 -5.46 -4.84
CA PRO B 236 27.84 -6.87 -5.17
C PRO B 236 26.92 -7.79 -4.39
N GLN B 237 26.78 -9.00 -4.89
CA GLN B 237 25.93 -10.01 -4.29
C GLN B 237 26.45 -10.53 -2.96
N PRO B 238 25.66 -10.38 -1.90
CA PRO B 238 26.03 -10.84 -0.55
C PRO B 238 26.16 -12.34 -0.59
N PRO B 239 27.20 -12.90 0.07
CA PRO B 239 27.34 -14.36 0.05
C PRO B 239 26.13 -15.16 0.54
N ILE B 240 25.48 -14.72 1.62
CA ILE B 240 24.32 -15.44 2.15
C ILE B 240 23.03 -15.29 1.34
N CYS B 241 23.08 -14.49 0.26
CA CYS B 241 21.92 -14.22 -0.58
C CYS B 241 21.69 -15.05 -1.81
N THR B 242 20.66 -15.91 -1.78
CA THR B 242 20.32 -16.72 -2.93
C THR B 242 19.98 -15.74 -4.03
N ILE B 243 20.25 -16.09 -5.28
CA ILE B 243 19.98 -15.21 -6.39
C ILE B 243 18.59 -14.56 -6.33
N ASP B 244 17.56 -15.35 -6.01
CA ASP B 244 16.20 -14.84 -5.92
C ASP B 244 16.08 -13.57 -5.06
N VAL B 245 16.91 -13.47 -4.01
CA VAL B 245 16.91 -12.30 -3.10
C VAL B 245 17.80 -11.15 -3.58
N TYR B 246 19.04 -11.45 -3.92
CA TYR B 246 19.95 -10.41 -4.39
C TYR B 246 19.36 -9.71 -5.62
N MET B 247 18.27 -10.22 -6.16
CA MET B 247 17.65 -9.57 -7.30
C MET B 247 16.65 -8.56 -6.81
N ILE B 248 15.90 -8.93 -5.78
CA ILE B 248 14.93 -8.00 -5.23
C ILE B 248 15.67 -6.71 -4.90
N MET B 249 16.96 -6.82 -4.63
CA MET B 249 17.75 -5.65 -4.30
C MET B 249 18.08 -4.94 -5.59
N VAL B 250 18.93 -5.58 -6.38
CA VAL B 250 19.34 -5.04 -7.65
C VAL B 250 18.21 -4.39 -8.43
N LYS B 251 17.00 -4.90 -8.27
CA LYS B 251 15.87 -4.33 -9.00
C LYS B 251 15.52 -2.94 -8.49
N CYS B 252 15.84 -2.66 -7.24
CA CYS B 252 15.56 -1.35 -6.66
C CYS B 252 16.52 -0.32 -7.21
N TRP B 253 17.58 -0.79 -7.86
CA TRP B 253 18.57 0.13 -8.37
C TRP B 253 18.54 0.20 -9.87
N MET B 254 17.34 0.04 -10.43
CA MET B 254 17.21 0.15 -11.86
C MET B 254 17.20 1.66 -12.13
N ILE B 255 17.56 2.03 -13.35
CA ILE B 255 17.60 3.45 -13.74
C ILE B 255 16.23 4.09 -13.60
N ASP B 256 15.22 3.55 -14.30
CA ASP B 256 13.87 4.09 -14.23
C ASP B 256 13.25 3.92 -12.83
N ALA B 257 13.08 5.02 -12.12
CA ALA B 257 12.55 4.99 -10.77
C ALA B 257 11.24 4.22 -10.65
N ASP B 258 10.37 4.37 -11.63
CA ASP B 258 9.10 3.67 -11.58
C ASP B 258 9.26 2.18 -11.84
N SER B 259 10.28 1.80 -12.60
CA SER B 259 10.51 0.39 -12.89
C SER B 259 10.90 -0.43 -11.67
N ARG B 260 11.34 0.26 -10.62
CA ARG B 260 11.73 -0.41 -9.40
C ARG B 260 10.51 -0.87 -8.63
N PRO B 261 10.70 -1.79 -7.70
CA PRO B 261 9.60 -2.32 -6.87
C PRO B 261 8.91 -1.22 -6.05
N LYS B 262 7.73 -1.51 -5.55
CA LYS B 262 7.02 -0.56 -4.71
C LYS B 262 7.07 -1.18 -3.32
N PHE B 263 7.00 -0.37 -2.30
CA PHE B 263 7.10 -0.91 -0.96
C PHE B 263 6.09 -2.01 -0.69
N ARG B 264 4.86 -1.82 -1.11
CA ARG B 264 3.84 -2.83 -0.87
C ARG B 264 4.30 -4.15 -1.48
N GLU B 265 4.85 -4.08 -2.68
CA GLU B 265 5.28 -5.30 -3.36
C GLU B 265 6.36 -6.01 -2.58
N LEU B 266 7.37 -5.26 -2.17
CA LEU B 266 8.46 -5.87 -1.42
C LEU B 266 7.93 -6.50 -0.13
N ILE B 267 6.97 -5.83 0.51
CA ILE B 267 6.41 -6.35 1.75
C ILE B 267 6.04 -7.81 1.56
N ILE B 268 5.15 -8.07 0.61
CA ILE B 268 4.73 -9.43 0.33
C ILE B 268 5.90 -10.34 -0.08
N GLU B 269 6.60 -9.92 -1.14
CA GLU B 269 7.76 -10.66 -1.64
C GLU B 269 8.72 -11.14 -0.54
N PHE B 270 8.84 -10.36 0.54
CA PHE B 270 9.71 -10.72 1.65
C PHE B 270 8.92 -11.53 2.67
N SER B 271 7.67 -11.16 2.88
CA SER B 271 6.82 -11.90 3.81
C SER B 271 6.74 -13.36 3.36
N LYS B 272 6.88 -13.57 2.05
CA LYS B 272 6.83 -14.90 1.46
C LYS B 272 8.04 -15.69 1.89
N MET B 273 9.21 -15.15 1.58
CA MET B 273 10.45 -15.83 1.93
C MET B 273 10.53 -16.06 3.43
N ALA B 274 10.29 -15.00 4.19
CA ALA B 274 10.35 -15.11 5.63
C ALA B 274 9.39 -16.15 6.17
N ARG B 275 9.06 -17.15 5.37
CA ARG B 275 8.17 -18.21 5.82
C ARG B 275 8.94 -19.52 5.64
N ASP B 276 10.07 -19.42 4.96
CA ASP B 276 10.94 -20.53 4.69
C ASP B 276 12.25 -19.85 4.33
N PRO B 277 12.83 -19.14 5.31
CA PRO B 277 14.09 -18.41 5.15
C PRO B 277 15.27 -19.17 4.59
N GLN B 278 15.57 -20.31 5.18
CA GLN B 278 16.73 -21.08 4.75
C GLN B 278 16.73 -21.41 3.27
N ARG B 279 15.60 -21.13 2.62
CA ARG B 279 15.46 -21.41 1.20
C ARG B 279 15.86 -20.23 0.35
N TYR B 280 16.04 -19.09 1.01
CA TYR B 280 16.44 -17.87 0.31
C TYR B 280 17.71 -17.30 0.91
N LEU B 281 18.03 -17.73 2.13
CA LEU B 281 19.24 -17.26 2.79
C LEU B 281 20.06 -18.41 3.34
N VAL B 282 21.28 -18.54 2.84
CA VAL B 282 22.16 -19.61 3.27
C VAL B 282 23.21 -19.10 4.23
N ILE B 283 23.01 -19.35 5.53
CA ILE B 283 23.98 -18.92 6.55
C ILE B 283 24.46 -20.15 7.33
N GLN B 284 25.68 -20.10 7.85
CA GLN B 284 26.23 -21.24 8.60
C GLN B 284 25.50 -21.59 9.90
N GLY B 285 25.18 -22.87 10.05
CA GLY B 285 24.50 -23.35 11.25
C GLY B 285 23.32 -22.50 11.65
N ASP B 286 22.57 -22.08 10.63
CA ASP B 286 21.40 -21.22 10.79
C ASP B 286 20.48 -21.52 11.98
N GLU B 287 20.28 -22.80 12.29
CA GLU B 287 19.39 -23.18 13.38
C GLU B 287 19.95 -23.07 14.81
N ARG B 288 21.10 -23.70 15.06
CA ARG B 288 21.74 -23.69 16.37
C ARG B 288 22.15 -22.31 16.85
N MET B 289 21.21 -21.36 16.81
CA MET B 289 21.44 -19.99 17.24
C MET B 289 20.24 -19.48 18.04
N HIS B 290 20.53 -18.67 19.06
CA HIS B 290 19.49 -18.10 19.91
C HIS B 290 19.84 -16.65 20.27
N LEU B 291 18.83 -15.78 20.29
CA LEU B 291 19.05 -14.37 20.63
C LEU B 291 18.22 -13.94 21.85
N PRO B 292 18.84 -13.16 22.77
CA PRO B 292 18.22 -12.64 24.01
C PRO B 292 16.81 -12.06 23.83
N ASP B 311 9.99 6.76 39.82
CA ASP B 311 9.68 7.96 39.07
C ASP B 311 10.20 7.88 37.64
N VAL B 312 10.83 6.75 37.30
CA VAL B 312 11.38 6.55 35.94
C VAL B 312 10.37 5.77 35.09
N VAL B 313 9.72 6.46 34.17
CA VAL B 313 8.72 5.87 33.30
C VAL B 313 9.14 5.94 31.84
N ASP B 314 8.71 4.95 31.05
CA ASP B 314 9.04 4.86 29.64
C ASP B 314 8.26 5.89 28.81
N ALA B 315 8.71 6.13 27.59
CA ALA B 315 8.06 7.11 26.72
C ALA B 315 6.64 6.69 26.31
N ASP B 316 6.45 5.41 26.08
CA ASP B 316 5.13 4.89 25.69
C ASP B 316 4.05 5.05 26.75
N GLU B 317 4.34 4.59 27.97
CA GLU B 317 3.38 4.65 29.07
C GLU B 317 3.07 6.05 29.61
N TYR B 318 3.76 7.05 29.10
CA TYR B 318 3.55 8.43 29.54
C TYR B 318 2.50 9.17 28.72
N LEU B 319 2.65 9.13 27.41
CA LEU B 319 1.75 9.82 26.50
C LEU B 319 0.50 9.03 26.09
N ILE B 320 -0.03 8.23 27.01
CA ILE B 320 -1.22 7.43 26.71
C ILE B 320 -2.25 7.50 27.86
N MET C 7 -28.62 -19.87 5.88
CA MET C 7 -27.22 -20.36 6.07
C MET C 7 -26.48 -19.60 7.18
N PRO C 8 -25.64 -20.32 7.96
CA PRO C 8 -24.85 -19.77 9.06
C PRO C 8 -23.77 -18.80 8.61
N PRO C 9 -23.70 -17.63 9.27
CA PRO C 9 -22.77 -16.51 9.04
C PRO C 9 -21.31 -16.88 8.84
N THR C 10 -20.80 -17.81 9.64
CA THR C 10 -19.42 -18.20 9.51
C THR C 10 -19.20 -19.71 9.59
N GLN C 11 -18.25 -20.15 8.79
CA GLN C 11 -17.85 -21.55 8.73
C GLN C 11 -16.38 -21.63 9.14
N SER C 12 -16.08 -22.51 10.08
CA SER C 12 -14.71 -22.65 10.55
C SER C 12 -13.81 -23.47 9.64
N PHE C 13 -12.51 -23.19 9.72
CA PHE C 13 -11.50 -23.87 8.92
C PHE C 13 -10.31 -24.33 9.79
N ALA C 14 -10.42 -24.15 11.11
CA ALA C 14 -9.32 -24.55 11.99
C ALA C 14 -9.25 -26.05 12.06
N PRO C 15 -8.07 -26.61 12.38
CA PRO C 15 -6.81 -25.94 12.69
C PRO C 15 -5.96 -25.67 11.45
N ASP C 16 -6.57 -25.73 10.28
CA ASP C 16 -5.81 -25.50 9.05
C ASP C 16 -4.88 -24.31 9.20
N PRO C 17 -3.57 -24.55 9.24
CA PRO C 17 -2.55 -23.51 9.40
C PRO C 17 -2.63 -22.42 8.33
N LYS C 18 -3.28 -22.76 7.23
CA LYS C 18 -3.42 -21.84 6.11
C LYS C 18 -4.47 -20.78 6.36
N TYR C 19 -5.45 -21.07 7.20
CA TYR C 19 -6.50 -20.09 7.48
C TYR C 19 -6.54 -19.56 8.91
N VAL C 20 -5.72 -20.13 9.80
CA VAL C 20 -5.69 -19.72 11.20
C VAL C 20 -4.34 -19.11 11.56
N SER C 21 -4.32 -17.81 11.79
CA SER C 21 -3.07 -17.14 12.10
C SER C 21 -2.59 -17.37 13.51
N SER C 22 -1.27 -17.34 13.67
CA SER C 22 -0.61 -17.51 14.96
C SER C 22 0.79 -16.91 14.81
N MET D 7 34.43 -10.14 -1.01
CA MET D 7 33.63 -9.70 -2.21
C MET D 7 34.15 -8.36 -2.75
N PRO D 8 34.22 -8.21 -4.08
CA PRO D 8 34.69 -6.98 -4.72
C PRO D 8 33.95 -5.75 -4.22
N PRO D 9 34.36 -4.57 -4.66
CA PRO D 9 33.67 -3.37 -4.19
C PRO D 9 32.36 -3.18 -4.93
N THR D 10 32.35 -3.59 -6.20
CA THR D 10 31.18 -3.45 -7.06
C THR D 10 31.02 -4.64 -7.99
N GLN D 11 29.80 -4.80 -8.50
CA GLN D 11 29.48 -5.86 -9.46
C GLN D 11 28.90 -5.12 -10.66
N SER D 12 29.35 -5.44 -11.86
CA SER D 12 28.83 -4.73 -13.02
C SER D 12 27.64 -5.46 -13.63
N PHE D 13 26.68 -4.69 -14.14
CA PHE D 13 25.47 -5.23 -14.76
C PHE D 13 25.34 -4.75 -16.20
N ALA D 14 26.47 -4.50 -16.85
CA ALA D 14 26.45 -4.01 -18.22
C ALA D 14 26.40 -5.16 -19.20
N PRO D 15 25.77 -4.96 -20.36
CA PRO D 15 25.12 -3.71 -20.76
C PRO D 15 23.59 -3.73 -20.63
N ASP D 16 23.10 -4.09 -19.45
CA ASP D 16 21.66 -4.14 -19.25
C ASP D 16 21.08 -2.75 -19.15
N PRO D 17 20.35 -2.33 -20.18
CA PRO D 17 19.69 -1.03 -20.31
C PRO D 17 18.96 -0.53 -19.05
N LYS D 18 18.49 -1.47 -18.24
CA LYS D 18 17.75 -1.11 -17.03
C LYS D 18 18.67 -0.66 -15.92
N TYR D 19 19.96 -0.81 -16.14
CA TYR D 19 20.97 -0.41 -15.15
C TYR D 19 22.03 0.54 -15.70
N VAL D 20 22.10 0.65 -17.01
CA VAL D 20 23.04 1.54 -17.68
C VAL D 20 22.33 2.83 -18.08
N SER D 21 23.01 3.96 -17.90
CA SER D 21 22.45 5.25 -18.25
C SER D 21 23.04 5.77 -19.57
S SO4 E . -1.82 3.01 -6.87
O1 SO4 E . -1.53 3.12 -5.44
O2 SO4 E . -3.17 3.55 -7.14
O3 SO4 E . -0.80 3.75 -7.64
O4 SO4 E . -1.81 1.58 -7.28
#